data_4D6G
#
_entry.id   4D6G
#
_cell.length_a   92.250
_cell.length_b   154.020
_cell.length_c   96.660
_cell.angle_alpha   90.00
_cell.angle_beta   90.00
_cell.angle_gamma   90.00
#
_symmetry.space_group_name_H-M   'C 2 2 21'
#
loop_
_entity.id
_entity.type
_entity.pdbx_description
1 polymer 'GLYCOSIDE HYDROLASE'
2 branched alpha-L-fucopyranose-(1-2)-[2-acetamido-2-deoxy-alpha-D-galactopyranose-(1-3)]alpha-D-galactopyranose
3 non-polymer 1,2-ETHANEDIOL
4 water water
#
_entity_poly.entity_id   1
_entity_poly.type   'polypeptide(L)'
_entity_poly.pdbx_seq_one_letter_code
;EVDKRREINNEHPLLMMPLYANGEEFNQGKYTFWGGDTLTGKWENIPDDLKPYTVIQLHPDDLPKRDGAARDFYEHMLEE
AAKYVNPKTGKNEPIPVILTVYTAGNMPYHTSAHWLSTSWIDKMYQKYPNLHGIFSTESYWIWANDIENKAADYLKVSAK
NGGYFIWAEQNSGSAIEKAFGKNGKIAFQKSVDKYWKNLIFMFKNTPAAEGNDSTTESYMKGLWLSNHTYQWGGLMDTWK
WYETGKWKLFASGNIGKSQGDRQWLTEPESMLGEEALGVYLNGGVVYNFEHPAYTYGVNNKESLLFSEVIKEFFRYVIAH
PAPSKEKVLEDTKVFIHGDYSNKGNGKFFVNVNTDREQTPLYMTGRYNVIPAIPGVLKTDKLKESVSSSRIQIKEITSPE
FSSTQARKEYLNKLYPMNYEGDIFAQKLDNRWFVYNYKVNENVKQTGKLKFNSLEMNVEFEPHTYGIFERISNGLKVNLN
NFRTNKDSLWSNAQDANQAKKLPQLTKKGAIKWIEEHYIKDTQFGEKRVTKIVLRGIDKLPTIHSLSGTNNSYDQPSLNF
DQKNHMVTITINSNGNLEFELHFLEHTRAPPPPPLRSGC
;
_entity_poly.pdbx_strand_id   A
#
# COMPACT_ATOMS: atom_id res chain seq x y z
N GLU A 1 25.82 -17.15 -2.19
CA GLU A 1 24.36 -16.84 -2.41
C GLU A 1 23.74 -17.79 -3.44
N VAL A 2 22.55 -18.25 -3.13
CA VAL A 2 21.77 -19.11 -4.01
C VAL A 2 21.04 -18.20 -5.02
N ASP A 3 20.93 -18.61 -6.28
CA ASP A 3 20.22 -17.82 -7.27
C ASP A 3 18.79 -17.52 -6.77
N LYS A 4 18.38 -16.26 -6.87
CA LYS A 4 17.04 -15.85 -6.48
C LYS A 4 15.96 -16.44 -7.37
N ARG A 5 14.84 -16.83 -6.79
CA ARG A 5 13.78 -17.42 -7.57
C ARG A 5 12.99 -16.41 -8.40
N ARG A 6 13.04 -15.14 -8.01
CA ARG A 6 12.44 -14.04 -8.75
C ARG A 6 13.16 -12.77 -8.35
N GLU A 7 13.01 -11.74 -9.19
CA GLU A 7 13.46 -10.40 -8.83
C GLU A 7 12.30 -9.65 -8.20
N ILE A 8 12.65 -8.83 -7.22
CA ILE A 8 11.71 -7.90 -6.61
C ILE A 8 12.49 -6.59 -6.48
N ASN A 9 12.14 -5.60 -7.31
CA ASN A 9 12.77 -4.29 -7.26
C ASN A 9 11.91 -3.29 -8.00
N ASN A 10 12.40 -2.07 -8.19
CA ASN A 10 11.59 -1.05 -8.82
C ASN A 10 11.12 -1.44 -10.22
N GLU A 11 11.97 -2.11 -10.98
CA GLU A 11 11.62 -2.55 -12.33
C GLU A 11 10.79 -3.83 -12.35
N HIS A 12 10.85 -4.57 -11.25
CA HIS A 12 10.13 -5.83 -11.05
C HIS A 12 9.35 -5.78 -9.75
N PRO A 13 8.35 -4.90 -9.67
CA PRO A 13 7.61 -4.78 -8.44
C PRO A 13 6.76 -6.04 -8.19
N LEU A 14 6.13 -6.09 -7.02
CA LEU A 14 5.40 -7.27 -6.62
C LEU A 14 4.03 -6.88 -6.05
N LEU A 15 2.97 -7.44 -6.63
CA LEU A 15 1.62 -7.39 -6.10
C LEU A 15 1.28 -8.75 -5.55
N MET A 16 1.13 -8.83 -4.23
CA MET A 16 0.69 -10.04 -3.60
C MET A 16 -0.81 -10.20 -3.82
N MET A 17 -1.25 -11.43 -4.13
N MET A 17 -1.25 -11.44 -4.08
CA MET A 17 -2.65 -11.73 -4.46
CA MET A 17 -2.61 -11.74 -4.44
C MET A 17 -3.16 -12.74 -3.42
C MET A 17 -3.16 -12.74 -3.43
N PRO A 18 -3.79 -12.27 -2.35
CA PRO A 18 -4.15 -13.17 -1.24
C PRO A 18 -5.33 -14.06 -1.55
N LEU A 19 -5.22 -15.31 -1.06
CA LEU A 19 -6.30 -16.29 -1.09
C LEU A 19 -6.36 -16.91 0.31
N TYR A 20 -7.47 -16.72 1.01
CA TYR A 20 -7.65 -17.12 2.40
C TYR A 20 -8.45 -18.42 2.48
N ALA A 21 -7.84 -19.44 3.07
CA ALA A 21 -8.46 -20.76 3.20
C ALA A 21 -9.79 -20.70 3.95
N ASN A 22 -10.76 -21.45 3.42
CA ASN A 22 -12.04 -21.59 4.07
C ASN A 22 -12.02 -22.81 4.99
N GLY A 23 -11.81 -22.56 6.27
CA GLY A 23 -11.67 -23.65 7.24
C GLY A 23 -12.94 -24.42 7.50
N GLU A 24 -14.08 -23.73 7.38
CA GLU A 24 -15.36 -24.40 7.53
C GLU A 24 -15.57 -25.46 6.43
N GLU A 25 -15.25 -25.10 5.20
CA GLU A 25 -15.37 -26.03 4.09
C GLU A 25 -14.27 -27.09 4.11
N PHE A 26 -13.10 -26.75 4.65
CA PHE A 26 -12.05 -27.74 4.86
C PHE A 26 -12.55 -28.85 5.78
N ASN A 27 -13.27 -28.50 6.83
CA ASN A 27 -13.87 -29.49 7.74
C ASN A 27 -14.91 -30.36 7.05
N GLN A 28 -15.40 -29.94 5.90
CA GLN A 28 -16.33 -30.72 5.09
C GLN A 28 -15.64 -31.42 3.91
N GLY A 29 -14.31 -31.45 3.90
CA GLY A 29 -13.57 -32.19 2.89
C GLY A 29 -13.30 -31.43 1.60
N LYS A 30 -13.54 -30.12 1.60
CA LYS A 30 -13.36 -29.29 0.41
C LYS A 30 -12.16 -28.36 0.60
N TYR A 31 -11.51 -28.01 -0.50
CA TYR A 31 -10.34 -27.12 -0.52
C TYR A 31 -10.73 -25.87 -1.26
N THR A 32 -11.12 -24.87 -0.48
CA THR A 32 -11.70 -23.64 -1.02
C THR A 32 -11.20 -22.42 -0.27
N PHE A 33 -11.52 -21.27 -0.85
CA PHE A 33 -11.13 -19.99 -0.30
C PHE A 33 -12.34 -19.14 0.01
N TRP A 34 -12.29 -18.39 1.11
CA TRP A 34 -13.34 -17.42 1.43
C TRP A 34 -13.48 -16.44 0.26
N GLY A 35 -14.72 -16.23 -0.16
CA GLY A 35 -15.02 -15.35 -1.29
C GLY A 35 -15.11 -16.06 -2.63
N GLY A 36 -14.77 -17.35 -2.68
CA GLY A 36 -15.03 -18.16 -3.86
C GLY A 36 -14.02 -18.13 -4.97
N ASP A 37 -12.94 -17.37 -4.85
CA ASP A 37 -11.84 -17.47 -5.79
C ASP A 37 -11.31 -18.90 -5.75
N THR A 38 -10.77 -19.35 -6.87
CA THR A 38 -9.99 -20.59 -6.91
C THR A 38 -8.57 -20.24 -7.31
N LEU A 39 -7.60 -21.07 -6.96
CA LEU A 39 -6.20 -20.75 -7.28
C LEU A 39 -5.99 -20.61 -8.79
N THR A 40 -6.44 -21.60 -9.54
CA THR A 40 -6.28 -21.62 -11.00
C THR A 40 -7.08 -20.50 -11.67
N GLY A 41 -8.31 -20.34 -11.23
CA GLY A 41 -9.17 -19.33 -11.81
C GLY A 41 -8.70 -17.91 -11.54
N LYS A 42 -8.22 -17.68 -10.34
CA LYS A 42 -7.69 -16.37 -9.97
C LYS A 42 -6.49 -16.06 -10.85
N TRP A 43 -5.56 -17.00 -10.93
CA TRP A 43 -4.36 -16.80 -11.73
C TRP A 43 -4.72 -16.55 -13.18
N GLU A 44 -5.59 -17.37 -13.74
CA GLU A 44 -5.98 -17.20 -15.14
C GLU A 44 -6.52 -15.84 -15.41
N ASN A 45 -7.29 -15.29 -14.45
N ASN A 45 -7.25 -15.27 -14.47
CA ASN A 45 -7.95 -13.96 -14.57
CA ASN A 45 -7.89 -13.99 -14.73
C ASN A 45 -6.95 -12.81 -14.52
C ASN A 45 -7.01 -12.78 -14.38
N ILE A 46 -5.78 -13.02 -13.92
CA ILE A 46 -4.82 -11.93 -13.79
C ILE A 46 -4.39 -11.52 -15.21
N PRO A 47 -4.46 -10.23 -15.55
CA PRO A 47 -4.08 -9.84 -16.91
C PRO A 47 -2.65 -10.30 -17.22
N ASP A 48 -2.41 -10.70 -18.46
CA ASP A 48 -1.11 -11.27 -18.82
C ASP A 48 0.03 -10.28 -18.61
N ASP A 49 -0.23 -8.97 -18.73
CA ASP A 49 0.82 -7.99 -18.49
C ASP A 49 1.24 -7.92 -17.03
N LEU A 50 0.33 -8.32 -16.13
CA LEU A 50 0.61 -8.30 -14.70
C LEU A 50 1.16 -9.61 -14.16
N LYS A 51 0.95 -10.72 -14.87
CA LYS A 51 1.38 -12.03 -14.37
C LYS A 51 2.86 -12.09 -13.94
N PRO A 52 3.78 -11.42 -14.66
CA PRO A 52 5.18 -11.50 -14.21
C PRO A 52 5.48 -10.81 -12.89
N TYR A 53 4.52 -10.02 -12.40
CA TYR A 53 4.72 -9.15 -11.26
C TYR A 53 3.76 -9.46 -10.11
N THR A 54 3.01 -10.55 -10.24
N THR A 54 3.00 -10.54 -10.25
CA THR A 54 1.98 -10.94 -9.28
CA THR A 54 2.00 -10.96 -9.28
C THR A 54 2.27 -12.34 -8.75
C THR A 54 2.30 -12.34 -8.74
N VAL A 55 2.06 -12.55 -7.45
CA VAL A 55 2.29 -13.85 -6.83
C VAL A 55 1.10 -14.17 -5.94
N ILE A 56 0.58 -15.39 -6.06
CA ILE A 56 -0.50 -15.85 -5.20
C ILE A 56 0.01 -16.03 -3.78
N GLN A 57 -0.63 -15.40 -2.81
CA GLN A 57 -0.27 -15.52 -1.40
C GLN A 57 -1.35 -16.31 -0.68
N LEU A 58 -1.06 -17.55 -0.34
CA LEU A 58 -2.01 -18.38 0.40
C LEU A 58 -1.97 -17.97 1.88
N HIS A 59 -3.13 -17.93 2.52
CA HIS A 59 -3.25 -17.60 3.94
C HIS A 59 -4.14 -18.65 4.58
N PRO A 60 -3.77 -19.16 5.77
CA PRO A 60 -4.51 -20.28 6.36
C PRO A 60 -5.81 -19.90 7.09
N ASP A 61 -6.05 -18.60 7.25
CA ASP A 61 -7.25 -18.04 7.82
C ASP A 61 -7.77 -18.91 8.97
N ASP A 62 -8.97 -19.48 8.83
CA ASP A 62 -9.62 -20.23 9.90
C ASP A 62 -9.57 -21.74 9.69
N LEU A 63 -8.51 -22.25 9.05
CA LEU A 63 -8.28 -23.68 9.07
C LEU A 63 -8.23 -24.15 10.54
N PRO A 64 -8.64 -25.39 10.78
CA PRO A 64 -8.63 -25.87 12.15
C PRO A 64 -7.26 -25.78 12.82
N LYS A 65 -7.29 -25.44 14.11
CA LYS A 65 -6.10 -25.26 14.92
C LYS A 65 -5.57 -26.57 15.47
N ARG A 66 -5.00 -27.38 14.54
N ARG A 66 -4.97 -27.38 14.58
CA ARG A 66 -4.53 -28.73 14.84
CA ARG A 66 -4.34 -28.60 15.03
C ARG A 66 -3.40 -29.06 13.91
C ARG A 66 -3.37 -29.03 13.95
N ASP A 67 -2.50 -29.94 14.33
CA ASP A 67 -1.41 -30.37 13.47
C ASP A 67 -1.95 -30.97 12.19
N GLY A 68 -1.31 -30.62 11.08
CA GLY A 68 -1.60 -31.21 9.79
C GLY A 68 -2.54 -30.42 8.92
N ALA A 69 -3.41 -29.59 9.49
CA ALA A 69 -4.45 -28.93 8.69
C ALA A 69 -3.83 -27.98 7.67
N ALA A 70 -2.94 -27.09 8.13
CA ALA A 70 -2.27 -26.16 7.21
C ALA A 70 -1.36 -26.88 6.23
N ARG A 71 -0.62 -27.89 6.68
CA ARG A 71 0.21 -28.62 5.71
C ARG A 71 -0.65 -29.25 4.61
N ASP A 72 -1.77 -29.86 5.00
CA ASP A 72 -2.66 -30.55 4.05
C ASP A 72 -3.18 -29.56 3.02
N PHE A 73 -3.73 -28.45 3.48
CA PHE A 73 -4.28 -27.43 2.61
C PHE A 73 -3.20 -26.86 1.68
N TYR A 74 -2.06 -26.50 2.26
CA TYR A 74 -0.98 -25.93 1.49
C TYR A 74 -0.42 -26.91 0.45
N GLU A 75 -0.19 -28.16 0.81
N GLU A 75 -0.20 -28.16 0.83
CA GLU A 75 0.32 -29.10 -0.18
CA GLU A 75 0.29 -29.16 -0.13
C GLU A 75 -0.69 -29.31 -1.31
C GLU A 75 -0.69 -29.34 -1.28
N HIS A 76 -1.98 -29.36 -0.98
CA HIS A 76 -3.02 -29.46 -2.01
C HIS A 76 -2.88 -28.30 -3.01
N MET A 77 -2.76 -27.09 -2.48
CA MET A 77 -2.70 -25.92 -3.34
C MET A 77 -1.38 -25.79 -4.07
N LEU A 78 -0.27 -26.18 -3.43
CA LEU A 78 1.01 -26.20 -4.12
C LEU A 78 1.00 -27.14 -5.31
N GLU A 79 0.35 -28.29 -5.15
CA GLU A 79 0.18 -29.23 -6.27
C GLU A 79 -0.66 -28.61 -7.39
N GLU A 80 -1.77 -27.98 -7.04
CA GLU A 80 -2.57 -27.31 -8.03
C GLU A 80 -1.75 -26.26 -8.79
N ALA A 81 -1.00 -25.47 -8.04
CA ALA A 81 -0.15 -24.44 -8.65
C ALA A 81 0.92 -25.03 -9.57
N ALA A 82 1.55 -26.11 -9.10
CA ALA A 82 2.65 -26.75 -9.83
C ALA A 82 2.18 -27.33 -11.15
N LYS A 83 0.96 -27.84 -11.19
CA LYS A 83 0.48 -28.62 -12.32
C LYS A 83 -0.32 -27.79 -13.33
N TYR A 84 -0.43 -26.49 -13.08
CA TYR A 84 -1.23 -25.63 -13.91
C TYR A 84 -0.77 -25.67 -15.37
N VAL A 85 -1.74 -25.78 -16.27
CA VAL A 85 -1.50 -25.77 -17.72
C VAL A 85 -2.19 -24.55 -18.31
N ASN A 86 -1.43 -23.72 -19.03
CA ASN A 86 -1.98 -22.58 -19.76
C ASN A 86 -2.84 -23.14 -20.91
N PRO A 87 -4.17 -22.91 -20.87
CA PRO A 87 -5.07 -23.54 -21.85
C PRO A 87 -4.92 -22.97 -23.26
N LYS A 88 -4.40 -21.76 -23.37
CA LYS A 88 -4.12 -21.12 -24.67
C LYS A 88 -2.93 -21.80 -25.37
N THR A 89 -1.92 -22.22 -24.60
CA THR A 89 -0.69 -22.78 -25.16
C THR A 89 -0.49 -24.27 -24.88
N GLY A 90 -1.23 -24.82 -23.91
CA GLY A 90 -1.11 -26.23 -23.57
C GLY A 90 0.13 -26.57 -22.74
N LYS A 91 0.88 -25.54 -22.32
CA LYS A 91 2.14 -25.73 -21.61
C LYS A 91 1.93 -25.67 -20.10
N ASN A 92 2.67 -26.52 -19.38
CA ASN A 92 2.73 -26.43 -17.91
C ASN A 92 3.48 -25.17 -17.52
N GLU A 93 2.78 -24.29 -16.80
CA GLU A 93 3.34 -22.99 -16.39
C GLU A 93 3.04 -22.84 -14.90
N PRO A 94 3.89 -23.44 -14.05
CA PRO A 94 3.64 -23.43 -12.61
C PRO A 94 3.35 -22.02 -12.09
N ILE A 95 2.32 -21.92 -11.27
CA ILE A 95 1.86 -20.66 -10.71
C ILE A 95 2.74 -20.29 -9.51
N PRO A 96 3.28 -19.07 -9.49
CA PRO A 96 4.13 -18.64 -8.37
C PRO A 96 3.31 -18.42 -7.11
N VAL A 97 3.86 -18.89 -6.00
CA VAL A 97 3.19 -18.90 -4.72
C VAL A 97 4.08 -18.36 -3.60
N ILE A 98 3.44 -17.66 -2.67
CA ILE A 98 3.98 -17.34 -1.36
C ILE A 98 3.06 -17.97 -0.32
N LEU A 99 3.64 -18.64 0.69
CA LEU A 99 2.87 -19.20 1.79
C LEU A 99 2.94 -18.33 3.02
N THR A 100 1.80 -18.09 3.67
CA THR A 100 1.77 -17.43 4.96
C THR A 100 2.12 -18.47 6.01
N VAL A 101 3.26 -18.28 6.68
CA VAL A 101 3.79 -19.26 7.61
C VAL A 101 3.73 -18.82 9.05
N TYR A 102 3.53 -17.53 9.32
CA TYR A 102 3.55 -16.99 10.67
C TYR A 102 2.58 -15.85 10.76
N THR A 103 1.71 -15.89 11.77
CA THR A 103 0.77 -14.81 12.01
C THR A 103 0.28 -14.93 13.45
N ALA A 104 -0.06 -13.81 14.06
CA ALA A 104 -0.64 -13.82 15.40
C ALA A 104 0.26 -14.59 16.39
N GLY A 105 1.58 -14.39 16.26
CA GLY A 105 2.55 -15.03 17.11
C GLY A 105 2.65 -16.53 16.96
N ASN A 106 1.98 -17.06 15.93
CA ASN A 106 1.82 -18.50 15.74
C ASN A 106 1.33 -19.20 17.00
N MET A 107 0.50 -18.53 17.78
CA MET A 107 -0.04 -19.21 18.95
C MET A 107 -0.98 -20.31 18.47
N PRO A 108 -0.99 -21.46 19.17
CA PRO A 108 -1.86 -22.56 18.76
C PRO A 108 -3.34 -22.25 18.95
N TYR A 109 -3.64 -21.25 19.76
CA TYR A 109 -5.01 -20.79 19.93
C TYR A 109 -5.39 -19.70 18.94
N HIS A 110 -4.45 -19.24 18.11
CA HIS A 110 -4.75 -18.26 17.07
C HIS A 110 -4.72 -18.78 15.64
N THR A 111 -3.86 -19.73 15.30
CA THR A 111 -3.67 -20.07 13.91
C THR A 111 -3.17 -21.47 13.69
N SER A 112 -3.71 -22.09 12.65
CA SER A 112 -3.20 -23.35 12.11
C SER A 112 -1.76 -23.26 11.62
N ALA A 113 -1.27 -22.05 11.37
CA ALA A 113 0.12 -21.87 10.95
C ALA A 113 1.12 -22.29 12.01
N HIS A 114 0.69 -22.41 13.27
CA HIS A 114 1.57 -22.90 14.32
C HIS A 114 2.26 -24.18 13.90
N TRP A 115 1.53 -25.07 13.24
CA TRP A 115 1.99 -26.42 12.91
C TRP A 115 2.63 -26.49 11.51
N LEU A 116 3.53 -25.54 11.23
CA LEU A 116 4.31 -25.50 10.01
C LEU A 116 5.78 -25.34 10.40
N SER A 117 6.52 -26.44 10.42
CA SER A 117 7.91 -26.41 10.85
C SER A 117 8.81 -25.86 9.76
N THR A 118 9.96 -25.37 10.18
N THR A 118 9.98 -25.39 10.14
CA THR A 118 10.98 -24.94 9.24
CA THR A 118 10.95 -24.97 9.12
C THR A 118 11.45 -26.10 8.36
C THR A 118 11.43 -26.14 8.27
N SER A 119 11.46 -27.31 8.92
N SER A 119 11.46 -27.35 8.83
CA SER A 119 11.78 -28.52 8.16
CA SER A 119 11.82 -28.50 8.03
C SER A 119 10.80 -28.70 7.00
C SER A 119 10.79 -28.72 6.94
N TRP A 120 9.51 -28.57 7.27
CA TRP A 120 8.48 -28.66 6.25
C TRP A 120 8.64 -27.56 5.19
N ILE A 121 8.91 -26.34 5.62
CA ILE A 121 9.09 -25.22 4.71
C ILE A 121 10.26 -25.52 3.76
N ASP A 122 11.38 -26.00 4.29
CA ASP A 122 12.53 -26.36 3.47
C ASP A 122 12.15 -27.42 2.44
N LYS A 123 11.43 -28.44 2.88
N LYS A 123 11.43 -28.44 2.89
CA LYS A 123 10.95 -29.51 2.00
CA LYS A 123 10.95 -29.51 2.00
C LYS A 123 10.08 -28.95 0.86
C LYS A 123 10.09 -28.95 0.87
N MET A 124 9.23 -27.99 1.20
CA MET A 124 8.36 -27.37 0.19
C MET A 124 9.17 -26.54 -0.80
N TYR A 125 10.11 -25.75 -0.32
CA TYR A 125 10.98 -25.03 -1.24
C TYR A 125 11.70 -25.96 -2.21
N GLN A 126 12.17 -27.09 -1.70
CA GLN A 126 12.93 -28.04 -2.52
C GLN A 126 12.03 -28.76 -3.52
N LYS A 127 10.78 -29.00 -3.17
CA LYS A 127 9.83 -29.69 -4.01
C LYS A 127 9.21 -28.82 -5.09
N TYR A 128 9.01 -27.54 -4.78
CA TYR A 128 8.26 -26.61 -5.61
C TYR A 128 9.12 -25.42 -6.01
N PRO A 129 9.66 -25.42 -7.25
CA PRO A 129 10.41 -24.26 -7.71
C PRO A 129 9.54 -22.98 -7.76
N ASN A 130 8.23 -23.19 -7.90
CA ASN A 130 7.26 -22.10 -7.95
C ASN A 130 6.91 -21.52 -6.58
N LEU A 131 7.43 -22.09 -5.50
CA LEU A 131 7.33 -21.46 -4.18
C LEU A 131 8.41 -20.39 -4.10
N HIS A 132 8.00 -19.13 -4.19
CA HIS A 132 8.97 -18.04 -4.29
C HIS A 132 9.27 -17.36 -2.95
N GLY A 133 8.45 -17.61 -1.95
CA GLY A 133 8.69 -17.00 -0.64
C GLY A 133 7.67 -17.42 0.40
N ILE A 134 7.91 -16.92 1.61
CA ILE A 134 7.09 -17.20 2.77
C ILE A 134 6.84 -15.88 3.49
N PHE A 135 5.71 -15.79 4.17
CA PHE A 135 5.17 -14.51 4.67
C PHE A 135 4.80 -14.64 6.14
N SER A 136 5.23 -13.64 6.90
CA SER A 136 4.83 -13.45 8.27
C SER A 136 4.03 -12.14 8.32
N THR A 137 2.87 -12.15 8.98
CA THR A 137 2.03 -10.98 8.99
C THR A 137 1.31 -10.83 10.32
N GLU A 138 1.43 -9.64 10.91
CA GLU A 138 0.60 -9.21 12.02
C GLU A 138 0.77 -10.03 13.32
N SER A 139 1.85 -9.72 14.03
CA SER A 139 2.08 -10.24 15.37
C SER A 139 2.36 -9.15 16.41
N TYR A 140 2.23 -7.87 16.03
CA TYR A 140 2.56 -6.77 16.95
C TYR A 140 1.77 -6.83 18.25
N TRP A 141 0.54 -7.35 18.19
CA TRP A 141 -0.33 -7.44 19.35
C TRP A 141 -0.16 -8.72 20.17
N ILE A 142 0.68 -9.63 19.69
CA ILE A 142 0.94 -10.91 20.36
C ILE A 142 2.39 -11.29 20.03
N TRP A 143 3.31 -10.55 20.65
CA TRP A 143 4.71 -10.60 20.30
C TRP A 143 5.33 -11.81 21.03
N ALA A 144 5.25 -12.97 20.39
CA ALA A 144 5.68 -14.25 20.99
C ALA A 144 7.09 -14.18 21.50
N ASN A 145 7.38 -14.93 22.56
CA ASN A 145 8.68 -14.89 23.21
C ASN A 145 9.87 -15.29 22.33
N ASP A 146 9.59 -16.08 21.29
CA ASP A 146 10.58 -16.55 20.32
C ASP A 146 10.39 -16.00 18.89
N ILE A 147 9.65 -14.90 18.73
CA ILE A 147 9.34 -14.42 17.40
C ILE A 147 10.59 -14.08 16.59
N GLU A 148 11.56 -13.45 17.22
CA GLU A 148 12.77 -13.05 16.52
C GLU A 148 13.60 -14.28 16.10
N ASN A 149 13.69 -15.26 16.98
CA ASN A 149 14.37 -16.51 16.66
C ASN A 149 13.69 -17.21 15.48
N LYS A 150 12.36 -17.26 15.51
CA LYS A 150 11.62 -17.89 14.40
C LYS A 150 11.83 -17.14 13.09
N ALA A 151 11.83 -15.81 13.16
CA ALA A 151 12.04 -14.98 11.97
C ALA A 151 13.41 -15.20 11.37
N ALA A 152 14.41 -15.34 12.22
CA ALA A 152 15.76 -15.67 11.75
C ALA A 152 15.75 -16.97 10.95
N ASP A 153 15.05 -17.97 11.47
CA ASP A 153 14.96 -19.24 10.78
C ASP A 153 14.21 -19.15 9.48
N TYR A 154 13.15 -18.34 9.42
CA TYR A 154 12.44 -18.14 8.15
C TYR A 154 13.32 -17.45 7.12
N LEU A 155 14.09 -16.46 7.54
CA LEU A 155 14.96 -15.77 6.61
C LEU A 155 16.04 -16.72 6.10
N LYS A 156 16.64 -17.50 7.01
CA LYS A 156 17.71 -18.39 6.64
C LYS A 156 17.22 -19.49 5.69
N VAL A 157 16.07 -20.08 5.97
CA VAL A 157 15.59 -21.16 5.10
C VAL A 157 15.21 -20.60 3.73
N SER A 158 14.73 -19.36 3.70
CA SER A 158 14.46 -18.71 2.43
C SER A 158 15.77 -18.46 1.67
N ALA A 159 16.77 -17.89 2.33
CA ALA A 159 18.07 -17.68 1.70
C ALA A 159 18.67 -18.99 1.17
N LYS A 160 18.53 -20.07 1.95
CA LYS A 160 19.06 -21.40 1.58
C LYS A 160 18.51 -21.83 0.23
N ASN A 161 17.28 -21.41 -0.10
CA ASN A 161 16.56 -21.86 -1.26
C ASN A 161 16.39 -20.81 -2.34
N GLY A 162 16.94 -19.61 -2.14
CA GLY A 162 16.75 -18.54 -3.10
C GLY A 162 15.39 -17.87 -3.04
N GLY A 163 14.61 -18.15 -1.99
CA GLY A 163 13.31 -17.51 -1.82
C GLY A 163 13.41 -16.26 -0.99
N TYR A 164 12.27 -15.60 -0.82
CA TYR A 164 12.18 -14.41 0.02
C TYR A 164 11.38 -14.68 1.28
N PHE A 165 11.85 -14.15 2.39
CA PHE A 165 11.05 -14.01 3.59
C PHE A 165 10.49 -12.60 3.59
N ILE A 166 9.17 -12.51 3.64
CA ILE A 166 8.44 -11.26 3.63
C ILE A 166 7.74 -11.12 4.98
N TRP A 167 7.96 -9.99 5.66
CA TRP A 167 7.37 -9.75 6.98
C TRP A 167 6.62 -8.43 6.91
N ALA A 168 5.31 -8.50 7.18
CA ALA A 168 4.45 -7.31 7.28
C ALA A 168 4.10 -7.09 8.75
N GLU A 169 4.52 -5.94 9.28
CA GLU A 169 4.34 -5.64 10.69
C GLU A 169 4.20 -4.14 10.87
N GLN A 170 3.52 -3.73 11.94
CA GLN A 170 3.38 -2.32 12.29
C GLN A 170 4.11 -2.08 13.60
N ASN A 171 4.63 -0.86 13.79
CA ASN A 171 5.40 -0.54 14.99
C ASN A 171 4.52 -0.21 16.18
N SER A 172 3.55 -1.06 16.46
CA SER A 172 2.78 -1.02 17.70
C SER A 172 3.57 -1.74 18.78
N GLY A 173 3.63 -1.17 19.98
CA GLY A 173 4.42 -1.75 21.04
C GLY A 173 5.87 -1.97 20.67
N SER A 174 6.43 -1.06 19.87
CA SER A 174 7.83 -1.13 19.46
C SER A 174 8.17 -2.34 18.61
N ALA A 175 7.19 -2.94 17.94
CA ALA A 175 7.43 -4.20 17.23
C ALA A 175 8.65 -4.16 16.30
N ILE A 176 8.77 -3.12 15.46
CA ILE A 176 9.87 -3.13 14.49
C ILE A 176 11.22 -3.03 15.20
N GLU A 177 11.26 -2.22 16.25
CA GLU A 177 12.47 -2.04 17.03
C GLU A 177 12.88 -3.37 17.72
N LYS A 178 11.91 -4.04 18.33
CA LYS A 178 12.15 -5.36 18.94
C LYS A 178 12.64 -6.37 17.92
N ALA A 179 12.04 -6.38 16.72
CA ALA A 179 12.43 -7.34 15.68
C ALA A 179 13.93 -7.31 15.43
N PHE A 180 14.51 -6.12 15.48
CA PHE A 180 15.92 -5.94 15.19
C PHE A 180 16.80 -5.96 16.44
N GLY A 181 16.20 -6.22 17.60
CA GLY A 181 16.97 -6.50 18.81
C GLY A 181 16.87 -5.52 19.96
N LYS A 182 15.95 -4.55 19.92
N LYS A 182 15.94 -4.55 19.91
CA LYS A 182 15.85 -3.53 20.94
CA LYS A 182 15.85 -3.53 20.94
C LYS A 182 15.91 -4.09 22.35
C LYS A 182 15.91 -4.09 22.35
N ASN A 183 15.14 -5.14 22.62
CA ASN A 183 15.06 -5.72 23.97
C ASN A 183 15.95 -6.92 24.16
N GLY A 184 16.95 -7.09 23.32
CA GLY A 184 17.99 -8.08 23.50
C GLY A 184 17.77 -9.36 22.75
N LYS A 185 16.68 -9.48 22.00
CA LYS A 185 16.42 -10.68 21.21
C LYS A 185 17.03 -10.39 19.85
N ILE A 186 18.27 -10.82 19.65
CA ILE A 186 19.11 -10.39 18.53
C ILE A 186 19.25 -11.41 17.40
N ALA A 187 18.51 -12.51 17.45
CA ALA A 187 18.69 -13.55 16.42
C ALA A 187 18.36 -13.02 15.04
N PHE A 188 17.29 -12.23 14.91
CA PHE A 188 16.91 -11.74 13.58
C PHE A 188 17.89 -10.66 13.12
N GLN A 189 18.33 -9.80 14.04
CA GLN A 189 19.41 -8.86 13.74
C GLN A 189 20.61 -9.57 13.09
N LYS A 190 21.04 -10.67 13.70
CA LYS A 190 22.17 -11.45 13.17
C LYS A 190 21.87 -12.09 11.84
N SER A 191 20.65 -12.58 11.68
CA SER A 191 20.23 -13.20 10.43
C SER A 191 20.26 -12.18 9.27
N VAL A 192 19.75 -10.99 9.54
CA VAL A 192 19.70 -9.91 8.55
C VAL A 192 21.11 -9.52 8.11
N ASP A 193 22.06 -9.53 9.04
N ASP A 193 22.08 -9.52 9.03
CA ASP A 193 23.42 -9.17 8.66
CA ASP A 193 23.46 -9.21 8.67
C ASP A 193 23.93 -10.10 7.55
C ASP A 193 23.93 -10.10 7.53
N LYS A 194 23.51 -11.37 7.57
CA LYS A 194 23.92 -12.35 6.57
C LYS A 194 22.99 -12.38 5.35
N TYR A 195 21.69 -12.22 5.58
CA TYR A 195 20.70 -12.67 4.59
C TYR A 195 19.74 -11.57 4.14
N TRP A 196 20.07 -10.31 4.38
CA TRP A 196 19.18 -9.21 4.06
C TRP A 196 18.72 -9.16 2.61
N LYS A 197 19.52 -9.68 1.67
CA LYS A 197 19.12 -9.69 0.28
C LYS A 197 17.92 -10.59 -0.02
N ASN A 198 17.53 -11.42 0.95
CA ASN A 198 16.36 -12.28 0.83
C ASN A 198 15.19 -11.83 1.69
N LEU A 199 15.28 -10.62 2.26
CA LEU A 199 14.25 -10.09 3.16
C LEU A 199 13.47 -8.97 2.47
N ILE A 200 12.15 -9.03 2.60
CA ILE A 200 11.26 -7.94 2.27
C ILE A 200 10.53 -7.54 3.55
N PHE A 201 10.57 -6.28 3.91
CA PHE A 201 9.87 -5.81 5.10
C PHE A 201 8.81 -4.81 4.67
N MET A 202 7.59 -5.02 5.16
CA MET A 202 6.43 -4.20 4.81
C MET A 202 5.75 -3.67 6.05
N PHE A 203 5.17 -2.49 5.95
CA PHE A 203 4.23 -2.05 6.97
C PHE A 203 2.91 -2.84 6.87
N LYS A 204 2.09 -2.74 7.91
CA LYS A 204 0.78 -3.35 7.94
C LYS A 204 -0.13 -2.38 8.64
N ASN A 205 -0.93 -1.62 7.90
CA ASN A 205 -1.54 -0.42 8.48
C ASN A 205 -2.87 -0.61 9.21
N THR A 206 -3.25 -1.86 9.40
CA THR A 206 -4.42 -2.27 10.15
C THR A 206 -4.69 -1.54 11.46
N PRO A 207 -3.71 -1.47 12.39
CA PRO A 207 -4.03 -1.01 13.77
C PRO A 207 -4.07 0.52 13.85
N ALA A 208 -4.96 1.10 13.06
CA ALA A 208 -4.94 2.51 12.78
C ALA A 208 -5.21 3.38 13.97
N ALA A 209 -5.95 2.90 14.99
CA ALA A 209 -6.21 3.73 16.16
C ALA A 209 -4.93 4.04 16.92
N GLU A 210 -3.89 3.23 16.74
CA GLU A 210 -2.62 3.47 17.42
C GLU A 210 -1.68 4.44 16.68
N GLY A 211 -2.03 4.80 15.44
CA GLY A 211 -1.35 5.90 14.78
C GLY A 211 0.08 5.70 14.34
N ASN A 212 0.51 4.44 14.15
CA ASN A 212 1.90 4.16 13.83
C ASN A 212 2.21 4.13 12.33
N ASP A 213 1.33 4.68 11.51
CA ASP A 213 1.54 4.63 10.06
C ASP A 213 2.83 5.32 9.62
N SER A 214 3.03 6.56 10.02
CA SER A 214 4.14 7.35 9.50
C SER A 214 5.49 6.83 10.00
N THR A 215 5.53 6.40 11.26
CA THR A 215 6.77 5.92 11.84
C THR A 215 7.11 4.54 11.29
N THR A 216 6.12 3.68 11.10
CA THR A 216 6.41 2.40 10.51
C THR A 216 6.90 2.54 9.08
N GLU A 217 6.24 3.38 8.29
CA GLU A 217 6.67 3.59 6.91
C GLU A 217 8.08 4.20 6.85
N SER A 218 8.39 5.13 7.74
CA SER A 218 9.72 5.68 7.87
C SER A 218 10.77 4.60 8.11
N TYR A 219 10.49 3.69 9.04
CA TYR A 219 11.39 2.56 9.26
C TYR A 219 11.53 1.66 8.03
N MET A 220 10.44 1.33 7.35
CA MET A 220 10.57 0.44 6.20
C MET A 220 11.51 1.05 5.17
N LYS A 221 11.31 2.33 4.88
CA LYS A 221 12.17 3.03 3.95
C LYS A 221 13.61 3.07 4.43
N GLY A 222 13.82 3.40 5.69
CA GLY A 222 15.18 3.50 6.24
C GLY A 222 15.90 2.16 6.30
N LEU A 223 15.19 1.10 6.66
CA LEU A 223 15.77 -0.25 6.67
C LEU A 223 16.27 -0.61 5.29
N TRP A 224 15.50 -0.28 4.26
CA TRP A 224 15.88 -0.52 2.88
C TRP A 224 17.12 0.30 2.48
N LEU A 225 17.09 1.60 2.76
CA LEU A 225 18.19 2.47 2.34
C LEU A 225 19.52 2.11 3.02
N SER A 226 19.43 1.50 4.20
CA SER A 226 20.59 1.15 5.01
C SER A 226 20.98 -0.33 4.89
N ASN A 227 20.41 -1.03 3.90
CA ASN A 227 20.78 -2.41 3.58
C ASN A 227 20.46 -3.37 4.71
N HIS A 228 19.34 -3.13 5.40
CA HIS A 228 18.77 -4.09 6.33
C HIS A 228 17.61 -4.89 5.74
N THR A 229 17.13 -4.52 4.56
N THR A 229 17.13 -4.52 4.57
CA THR A 229 16.12 -5.29 3.85
CA THR A 229 16.11 -5.28 3.85
C THR A 229 16.35 -5.07 2.37
C THR A 229 16.38 -5.08 2.37
N TYR A 230 16.03 -6.07 1.56
CA TYR A 230 16.30 -5.99 0.12
C TYR A 230 15.38 -4.98 -0.56
N GLN A 231 14.12 -5.00 -0.18
CA GLN A 231 13.12 -4.07 -0.67
C GLN A 231 12.09 -3.93 0.44
N TRP A 232 11.19 -2.97 0.24
CA TRP A 232 10.12 -2.74 1.19
C TRP A 232 8.79 -2.49 0.49
N GLY A 233 7.74 -2.49 1.28
CA GLY A 233 6.44 -2.11 0.79
C GLY A 233 5.43 -1.99 1.90
N GLY A 234 4.17 -2.20 1.57
CA GLY A 234 3.12 -2.05 2.56
C GLY A 234 1.91 -2.89 2.26
N LEU A 235 1.26 -3.31 3.36
CA LEU A 235 -0.05 -3.91 3.30
C LEU A 235 -1.03 -2.85 3.82
N MET A 236 -1.92 -2.45 2.92
CA MET A 236 -2.91 -1.39 3.17
C MET A 236 -4.26 -2.03 3.38
N ASP A 237 -4.91 -1.68 4.50
CA ASP A 237 -6.01 -2.48 5.01
C ASP A 237 -7.25 -1.64 5.28
N THR A 238 -8.33 -1.95 4.57
CA THR A 238 -9.59 -1.25 4.74
C THR A 238 -10.22 -1.47 6.13
N TRP A 239 -9.74 -2.47 6.88
CA TRP A 239 -10.13 -2.62 8.26
C TRP A 239 -9.71 -1.42 9.12
N LYS A 240 -8.85 -0.53 8.62
CA LYS A 240 -8.56 0.69 9.38
C LYS A 240 -9.83 1.46 9.73
N TRP A 241 -10.86 1.39 8.88
CA TRP A 241 -12.10 2.12 9.11
C TRP A 241 -12.83 1.59 10.35
N TYR A 242 -12.75 0.28 10.57
CA TYR A 242 -13.25 -0.39 11.79
C TYR A 242 -12.42 0.01 13.00
N GLU A 243 -11.09 -0.10 12.88
CA GLU A 243 -10.21 0.18 14.00
C GLU A 243 -10.38 1.60 14.53
N THR A 244 -10.67 2.55 13.64
CA THR A 244 -10.86 3.93 14.03
C THR A 244 -12.29 4.34 14.33
N GLY A 245 -13.22 3.42 14.24
CA GLY A 245 -14.61 3.70 14.63
C GLY A 245 -15.45 4.53 13.69
N LYS A 246 -15.04 4.60 12.43
N LYS A 246 -15.03 4.64 12.44
CA LYS A 246 -15.78 5.38 11.46
CA LYS A 246 -15.78 5.41 11.46
C LYS A 246 -16.99 4.60 10.96
C LYS A 246 -16.99 4.61 10.96
N TRP A 247 -17.97 5.33 10.41
CA TRP A 247 -19.15 4.68 9.85
C TRP A 247 -19.44 5.28 8.47
N LYS A 248 -20.66 5.73 8.22
CA LYS A 248 -21.04 6.29 6.94
C LYS A 248 -20.08 7.41 6.54
N LEU A 249 -19.76 7.48 5.26
CA LEU A 249 -18.81 8.47 4.80
C LEU A 249 -19.29 9.87 5.14
N PHE A 250 -18.41 10.63 5.78
CA PHE A 250 -18.59 12.01 6.18
C PHE A 250 -19.54 12.22 7.36
N ALA A 251 -20.15 11.16 7.89
CA ALA A 251 -21.10 11.32 8.98
C ALA A 251 -20.38 11.66 10.26
N SER A 252 -21.04 12.37 11.16
CA SER A 252 -20.43 12.65 12.45
C SER A 252 -20.67 11.52 13.45
N GLY A 253 -19.82 11.52 14.47
CA GLY A 253 -19.87 10.55 15.54
C GLY A 253 -19.02 9.35 15.24
N ASN A 254 -18.66 8.65 16.30
CA ASN A 254 -17.75 7.53 16.25
C ASN A 254 -18.47 6.33 16.86
N ILE A 255 -18.47 5.21 16.16
CA ILE A 255 -19.17 4.02 16.59
C ILE A 255 -18.24 2.98 17.22
N GLY A 256 -16.96 3.27 17.32
CA GLY A 256 -16.00 2.30 17.82
C GLY A 256 -15.91 1.07 16.93
N LYS A 257 -15.35 0.01 17.50
CA LYS A 257 -15.06 -1.21 16.76
C LYS A 257 -16.27 -2.14 16.85
N SER A 258 -17.37 -1.70 16.25
CA SER A 258 -18.70 -2.27 16.52
C SER A 258 -19.43 -2.85 15.34
N GLN A 259 -18.98 -2.53 14.12
CA GLN A 259 -19.69 -2.90 12.89
C GLN A 259 -18.68 -3.34 11.84
N GLY A 260 -17.82 -4.27 12.21
CA GLY A 260 -16.62 -4.57 11.43
C GLY A 260 -16.89 -4.79 9.96
N ASP A 261 -17.86 -5.64 9.63
CA ASP A 261 -18.04 -6.05 8.25
C ASP A 261 -18.68 -4.95 7.38
N ARG A 262 -19.44 -4.04 7.99
CA ARG A 262 -19.84 -2.82 7.27
C ARG A 262 -18.66 -1.86 7.13
N GLN A 263 -17.86 -1.74 8.19
CA GLN A 263 -16.77 -0.80 8.24
C GLN A 263 -15.66 -1.10 7.24
N TRP A 264 -15.25 -2.35 7.05
CA TRP A 264 -14.14 -2.62 6.11
C TRP A 264 -14.54 -2.44 4.65
N LEU A 265 -15.82 -2.26 4.37
CA LEU A 265 -16.32 -1.96 3.04
C LEU A 265 -16.35 -0.47 2.75
N THR A 266 -16.24 0.39 3.76
CA THR A 266 -16.61 1.80 3.60
C THR A 266 -15.47 2.69 3.13
N GLU A 267 -14.20 2.33 3.35
CA GLU A 267 -13.11 3.20 2.94
C GLU A 267 -13.25 3.51 1.43
N PRO A 268 -13.19 4.78 1.03
CA PRO A 268 -13.25 5.11 -0.39
C PRO A 268 -12.19 4.38 -1.21
N GLU A 269 -12.60 3.91 -2.37
CA GLU A 269 -11.71 3.12 -3.22
C GLU A 269 -10.43 3.86 -3.57
N SER A 270 -10.56 5.11 -4.02
CA SER A 270 -9.40 5.88 -4.41
C SER A 270 -8.45 6.16 -3.26
N MET A 271 -8.92 6.10 -2.02
CA MET A 271 -8.02 6.34 -0.90
C MET A 271 -6.96 5.24 -0.83
N LEU A 272 -7.25 4.02 -1.31
CA LEU A 272 -6.21 3.00 -1.34
C LEU A 272 -5.07 3.42 -2.27
N GLY A 273 -5.37 4.09 -3.37
CA GLY A 273 -4.33 4.62 -4.23
C GLY A 273 -3.52 5.73 -3.56
N GLU A 274 -4.18 6.56 -2.77
CA GLU A 274 -3.49 7.59 -2.00
C GLU A 274 -2.49 6.94 -1.03
N GLU A 275 -2.91 5.87 -0.35
CA GLU A 275 -2.02 5.13 0.55
C GLU A 275 -0.86 4.52 -0.25
N ALA A 276 -1.18 3.91 -1.39
CA ALA A 276 -0.15 3.23 -2.18
C ALA A 276 0.89 4.19 -2.74
N LEU A 277 0.50 5.43 -2.99
CA LEU A 277 1.48 6.42 -3.45
C LEU A 277 2.60 6.63 -2.45
N GLY A 278 2.32 6.51 -1.14
CA GLY A 278 3.36 6.67 -0.15
C GLY A 278 4.43 5.58 -0.28
N VAL A 279 4.04 4.39 -0.73
CA VAL A 279 5.02 3.33 -1.00
C VAL A 279 5.82 3.70 -2.24
N TYR A 280 5.14 3.90 -3.37
CA TYR A 280 5.77 4.16 -4.65
C TYR A 280 6.74 5.34 -4.61
N LEU A 281 6.26 6.48 -4.08
CA LEU A 281 7.01 7.73 -4.13
C LEU A 281 8.25 7.69 -3.28
N ASN A 282 8.38 6.68 -2.44
CA ASN A 282 9.50 6.54 -1.52
C ASN A 282 10.33 5.29 -1.81
N GLY A 283 10.16 4.71 -2.99
CA GLY A 283 11.00 3.62 -3.47
C GLY A 283 10.52 2.24 -3.07
N GLY A 284 9.37 2.12 -2.42
CA GLY A 284 8.83 0.80 -2.12
C GLY A 284 8.28 0.15 -3.37
N VAL A 285 8.21 -1.18 -3.35
CA VAL A 285 7.89 -1.95 -4.55
C VAL A 285 7.00 -3.16 -4.32
N VAL A 286 6.58 -3.40 -3.06
CA VAL A 286 5.74 -4.54 -2.74
C VAL A 286 4.42 -4.03 -2.16
N TYR A 287 3.32 -4.56 -2.70
CA TYR A 287 1.97 -4.12 -2.38
C TYR A 287 1.11 -5.30 -2.00
N ASN A 288 0.28 -5.12 -0.97
CA ASN A 288 -0.69 -6.11 -0.56
C ASN A 288 -1.84 -5.36 0.11
N PHE A 289 -3.02 -5.99 0.14
CA PHE A 289 -4.21 -5.33 0.64
C PHE A 289 -5.12 -6.30 1.37
N GLU A 290 -5.86 -5.74 2.33
CA GLU A 290 -7.02 -6.38 2.98
C GLU A 290 -8.12 -5.31 2.99
N HIS A 291 -9.40 -5.67 3.17
CA HIS A 291 -9.97 -7.01 3.12
C HIS A 291 -9.94 -7.50 1.68
N PRO A 292 -9.51 -8.74 1.43
CA PRO A 292 -9.37 -9.20 0.02
C PRO A 292 -10.65 -9.17 -0.80
N ALA A 293 -11.82 -9.38 -0.18
CA ALA A 293 -13.04 -9.44 -0.98
C ALA A 293 -13.37 -8.12 -1.64
N TYR A 294 -13.07 -7.03 -0.93
CA TYR A 294 -13.27 -5.66 -1.43
C TYR A 294 -12.11 -5.21 -2.31
N THR A 295 -10.89 -5.44 -1.84
CA THR A 295 -9.70 -4.90 -2.51
C THR A 295 -9.30 -5.67 -3.76
N TYR A 296 -9.63 -6.96 -3.81
CA TYR A 296 -9.32 -7.79 -4.98
C TYR A 296 -10.55 -8.30 -5.70
N GLY A 297 -11.50 -8.88 -4.98
CA GLY A 297 -12.71 -9.42 -5.56
C GLY A 297 -13.11 -10.77 -5.00
N VAL A 298 -14.09 -11.37 -5.65
CA VAL A 298 -14.69 -12.63 -5.22
C VAL A 298 -14.99 -13.45 -6.48
N ASN A 299 -15.11 -14.76 -6.33
CA ASN A 299 -15.55 -15.64 -7.40
C ASN A 299 -14.75 -15.46 -8.69
N ASN A 300 -13.44 -15.26 -8.55
CA ASN A 300 -12.52 -15.07 -9.69
C ASN A 300 -12.83 -13.85 -10.54
N LYS A 301 -13.52 -12.87 -9.96
CA LYS A 301 -13.83 -11.60 -10.60
C LYS A 301 -13.15 -10.47 -9.87
N GLU A 302 -12.73 -9.48 -10.63
CA GLU A 302 -12.12 -8.29 -10.06
C GLU A 302 -13.19 -7.38 -9.47
N SER A 303 -12.97 -6.95 -8.24
CA SER A 303 -13.81 -5.89 -7.68
C SER A 303 -13.51 -4.60 -8.43
N LEU A 304 -14.42 -3.63 -8.35
CA LEU A 304 -14.18 -2.33 -8.98
C LEU A 304 -13.03 -1.57 -8.29
N LEU A 305 -12.84 -1.73 -6.98
N LEU A 305 -12.85 -1.74 -6.99
CA LEU A 305 -11.66 -1.19 -6.33
CA LEU A 305 -11.67 -1.19 -6.34
C LEU A 305 -10.41 -1.74 -7.03
C LEU A 305 -10.42 -1.74 -7.02
N PHE A 306 -10.37 -3.04 -7.25
CA PHE A 306 -9.22 -3.62 -7.93
C PHE A 306 -9.10 -3.09 -9.36
N SER A 307 -10.16 -3.17 -10.15
CA SER A 307 -10.04 -2.86 -11.55
C SER A 307 -9.77 -1.38 -11.82
N GLU A 308 -10.41 -0.50 -11.05
CA GLU A 308 -10.35 0.94 -11.35
C GLU A 308 -9.26 1.67 -10.58
N VAL A 309 -8.78 1.09 -9.48
CA VAL A 309 -7.76 1.75 -8.66
C VAL A 309 -6.50 0.90 -8.61
N ILE A 310 -6.54 -0.28 -7.97
CA ILE A 310 -5.30 -1.00 -7.70
C ILE A 310 -4.61 -1.48 -8.99
N LYS A 311 -5.36 -2.06 -9.90
CA LYS A 311 -4.80 -2.55 -11.15
C LYS A 311 -4.14 -1.43 -11.94
N GLU A 312 -4.85 -0.30 -12.02
N GLU A 312 -4.85 -0.31 -12.02
N GLU A 312 -4.82 -0.29 -12.02
CA GLU A 312 -4.35 0.88 -12.70
CA GLU A 312 -4.35 0.88 -12.70
CA GLU A 312 -4.28 0.82 -12.78
C GLU A 312 -3.07 1.39 -12.08
C GLU A 312 -3.06 1.38 -12.07
C GLU A 312 -3.06 1.43 -12.08
N PHE A 313 -3.08 1.50 -10.75
CA PHE A 313 -1.93 1.98 -10.01
C PHE A 313 -0.74 1.05 -10.24
N PHE A 314 -0.97 -0.25 -10.13
CA PHE A 314 0.12 -1.20 -10.24
C PHE A 314 0.69 -1.18 -11.66
N ARG A 315 -0.19 -1.07 -12.67
CA ARG A 315 0.32 -0.85 -14.03
C ARG A 315 1.20 0.38 -14.14
N TYR A 316 0.82 1.44 -13.44
CA TYR A 316 1.58 2.69 -13.47
C TYR A 316 2.99 2.45 -12.92
N VAL A 317 3.11 1.74 -11.79
CA VAL A 317 4.42 1.56 -11.16
C VAL A 317 5.32 0.57 -11.90
N ILE A 318 4.72 -0.25 -12.77
CA ILE A 318 5.51 -1.07 -13.70
C ILE A 318 6.02 -0.21 -14.86
N ALA A 319 5.16 0.64 -15.41
CA ALA A 319 5.51 1.48 -16.56
C ALA A 319 6.46 2.60 -16.18
N HIS A 320 6.42 3.02 -14.91
CA HIS A 320 7.24 4.12 -14.38
C HIS A 320 7.90 3.60 -13.10
N PRO A 321 8.99 2.84 -13.22
CA PRO A 321 9.58 2.22 -12.03
C PRO A 321 9.80 3.25 -10.91
N ALA A 322 9.54 2.84 -9.69
CA ALA A 322 9.76 3.66 -8.51
C ALA A 322 11.21 4.14 -8.49
N PRO A 323 11.48 5.25 -7.79
CA PRO A 323 12.88 5.67 -7.67
C PRO A 323 13.76 4.58 -7.06
N SER A 324 14.93 4.39 -7.66
CA SER A 324 15.87 3.37 -7.20
C SER A 324 16.43 3.70 -5.84
N LYS A 325 17.05 2.72 -5.20
N LYS A 325 17.06 2.72 -5.20
CA LYS A 325 17.73 2.97 -3.94
CA LYS A 325 17.72 3.00 -3.94
C LYS A 325 18.76 4.10 -4.07
C LYS A 325 18.76 4.12 -4.07
N GLU A 326 19.54 4.07 -5.15
CA GLU A 326 20.54 5.09 -5.43
C GLU A 326 19.91 6.47 -5.51
N LYS A 327 18.81 6.57 -6.26
CA LYS A 327 18.12 7.84 -6.42
C LYS A 327 17.56 8.36 -5.09
N VAL A 328 16.91 7.47 -4.34
CA VAL A 328 16.33 7.89 -3.07
C VAL A 328 17.45 8.35 -2.11
N LEU A 329 18.56 7.62 -2.06
CA LEU A 329 19.72 8.05 -1.26
C LEU A 329 20.23 9.42 -1.65
N GLU A 330 20.39 9.65 -2.95
CA GLU A 330 20.83 10.97 -3.44
C GLU A 330 19.89 12.08 -2.97
N ASP A 331 18.59 11.80 -2.98
CA ASP A 331 17.56 12.77 -2.60
C ASP A 331 17.41 12.96 -1.09
N THR A 332 17.95 12.03 -0.30
CA THR A 332 17.70 12.06 1.13
C THR A 332 18.61 13.08 1.79
N LYS A 333 18.04 14.03 2.53
CA LYS A 333 18.82 15.03 3.26
C LYS A 333 18.99 14.72 4.74
N VAL A 334 18.02 14.02 5.32
CA VAL A 334 18.02 13.66 6.74
C VAL A 334 17.66 12.19 6.87
N PHE A 335 18.40 11.49 7.72
CA PHE A 335 18.16 10.08 8.02
C PHE A 335 18.21 9.95 9.54
N ILE A 336 17.12 9.46 10.13
CA ILE A 336 16.99 9.38 11.59
C ILE A 336 17.47 8.04 12.10
N HIS A 337 18.29 8.06 13.14
CA HIS A 337 18.69 6.86 13.85
C HIS A 337 18.11 6.92 15.26
N GLY A 338 17.21 6.00 15.59
CA GLY A 338 16.63 5.95 16.92
C GLY A 338 15.22 5.48 16.96
N ASP A 339 14.67 5.37 18.17
CA ASP A 339 13.38 4.71 18.39
C ASP A 339 12.23 5.71 18.45
N TYR A 340 11.33 5.62 17.48
CA TYR A 340 10.12 6.42 17.51
C TYR A 340 9.28 6.12 18.73
N SER A 341 9.39 4.90 19.29
CA SER A 341 8.62 4.55 20.47
C SER A 341 8.90 5.42 21.68
N ASN A 342 10.09 6.03 21.72
N ASN A 342 10.05 6.07 21.71
CA ASN A 342 10.50 6.97 22.79
CA ASN A 342 10.42 6.95 22.82
C ASN A 342 10.15 8.42 22.49
C ASN A 342 10.21 8.43 22.47
N LYS A 343 9.66 8.71 21.28
CA LYS A 343 9.42 10.12 20.83
C LYS A 343 8.00 10.30 20.32
N GLY A 344 7.05 9.58 20.92
CA GLY A 344 5.64 9.81 20.66
C GLY A 344 5.04 8.97 19.56
N ASN A 345 5.78 8.00 19.03
CA ASN A 345 5.28 7.18 17.94
C ASN A 345 4.79 8.09 16.79
N GLY A 346 3.61 7.85 16.24
CA GLY A 346 3.13 8.65 15.13
C GLY A 346 2.93 10.13 15.42
N LYS A 347 2.85 10.50 16.70
CA LYS A 347 2.78 11.91 17.04
C LYS A 347 4.01 12.66 16.53
N PHE A 348 5.13 11.96 16.35
CA PHE A 348 6.37 12.57 15.86
C PHE A 348 6.15 13.40 14.60
N PHE A 349 5.29 12.91 13.69
CA PHE A 349 5.08 13.52 12.39
C PHE A 349 3.83 14.37 12.28
N VAL A 350 2.98 14.37 13.31
CA VAL A 350 1.75 15.15 13.26
C VAL A 350 2.11 16.65 13.25
N ASN A 351 1.51 17.36 12.30
CA ASN A 351 1.83 18.76 12.04
C ASN A 351 3.26 18.99 11.55
N VAL A 352 3.91 17.91 11.12
CA VAL A 352 5.15 17.95 10.35
C VAL A 352 4.77 17.56 8.93
N ASN A 353 4.37 16.31 8.71
CA ASN A 353 3.82 15.90 7.44
C ASN A 353 2.56 15.06 7.49
N THR A 354 1.95 14.89 8.67
CA THR A 354 0.64 14.26 8.75
C THR A 354 -0.33 15.21 9.48
N ASP A 355 -1.62 15.14 9.15
CA ASP A 355 -2.56 16.13 9.68
C ASP A 355 -3.23 15.76 10.97
N ARG A 356 -3.03 14.53 11.43
CA ARG A 356 -3.73 14.02 12.59
C ARG A 356 -3.02 12.76 13.04
N GLU A 357 -3.35 12.28 14.24
CA GLU A 357 -2.71 11.11 14.80
C GLU A 357 -3.04 9.81 14.09
N GLN A 358 -4.24 9.69 13.55
CA GLN A 358 -4.73 8.44 12.95
C GLN A 358 -5.07 8.67 11.50
N THR A 359 -4.07 8.51 10.65
CA THR A 359 -4.23 8.64 9.21
C THR A 359 -3.16 7.86 8.51
N PRO A 360 -3.47 7.30 7.32
CA PRO A 360 -2.48 6.66 6.49
C PRO A 360 -1.98 7.58 5.38
N LEU A 361 -2.34 8.86 5.43
CA LEU A 361 -2.00 9.84 4.40
C LEU A 361 -1.03 10.88 4.96
N TYR A 362 -0.50 11.69 4.05
CA TYR A 362 0.37 12.80 4.37
C TYR A 362 -0.28 14.09 3.89
N MET A 363 0.13 15.20 4.53
N MET A 363 0.10 15.20 4.54
CA MET A 363 -0.40 16.51 4.21
CA MET A 363 -0.43 16.50 4.16
C MET A 363 0.56 17.37 3.41
C MET A 363 0.56 17.38 3.39
N THR A 364 1.81 16.95 3.32
CA THR A 364 2.78 17.58 2.43
C THR A 364 3.79 16.55 1.97
N GLY A 365 4.29 16.72 0.75
CA GLY A 365 5.39 15.92 0.24
C GLY A 365 6.74 16.59 0.36
N ARG A 366 6.81 17.71 1.06
CA ARG A 366 8.02 18.52 1.12
C ARG A 366 9.25 17.72 1.59
N TYR A 367 9.05 16.82 2.54
CA TYR A 367 10.12 16.03 3.11
C TYR A 367 10.07 14.59 2.62
N ASN A 368 9.15 14.33 1.70
N ASN A 368 9.19 14.28 1.68
CA ASN A 368 8.61 13.00 1.39
CA ASN A 368 8.89 12.90 1.30
C ASN A 368 8.51 12.16 2.67
C ASN A 368 8.54 12.17 2.60
N VAL A 369 8.98 10.93 2.71
CA VAL A 369 9.00 10.17 3.99
C VAL A 369 10.45 10.26 4.48
N ILE A 370 10.63 10.78 5.68
N ILE A 370 10.64 10.80 5.67
CA ILE A 370 11.96 10.84 6.26
CA ILE A 370 11.97 10.85 6.28
C ILE A 370 12.33 9.44 6.72
C ILE A 370 12.33 9.44 6.72
N PRO A 371 13.42 8.87 6.19
CA PRO A 371 13.77 7.49 6.55
C PRO A 371 14.40 7.41 7.93
N ALA A 372 14.23 6.27 8.58
CA ALA A 372 14.79 6.04 9.91
C ALA A 372 15.10 4.56 10.07
N ILE A 373 15.97 4.25 11.03
CA ILE A 373 16.07 2.87 11.53
C ILE A 373 16.09 2.90 13.04
N PRO A 374 15.64 1.81 13.66
CA PRO A 374 15.68 1.71 15.12
C PRO A 374 17.06 1.94 15.71
N GLY A 375 17.07 2.44 16.95
CA GLY A 375 18.30 2.70 17.68
C GLY A 375 19.23 1.52 17.84
N VAL A 376 18.70 0.30 17.83
CA VAL A 376 19.52 -0.89 18.03
C VAL A 376 20.45 -1.15 16.85
N LEU A 377 20.06 -0.68 15.68
CA LEU A 377 20.84 -0.92 14.48
C LEU A 377 21.94 0.11 14.32
N LYS A 378 22.84 -0.18 13.39
CA LYS A 378 23.94 0.71 13.05
C LYS A 378 23.73 1.25 11.62
N THR A 379 24.33 2.40 11.38
CA THR A 379 24.28 3.03 10.06
C THR A 379 25.55 2.78 9.24
N ASP A 380 26.34 1.76 9.59
CA ASP A 380 27.63 1.48 8.90
C ASP A 380 27.44 1.19 7.41
N LYS A 381 26.48 0.33 7.07
CA LYS A 381 26.26 0.00 5.67
C LYS A 381 25.71 1.20 4.86
N LEU A 382 24.84 1.98 5.49
CA LEU A 382 24.38 3.23 4.89
C LEU A 382 25.55 4.16 4.55
N LYS A 383 26.47 4.33 5.49
CA LYS A 383 27.63 5.21 5.29
C LYS A 383 28.59 4.68 4.23
N GLU A 384 28.62 3.36 4.04
CA GLU A 384 29.52 2.73 3.07
C GLU A 384 29.05 2.98 1.65
N SER A 385 27.77 3.34 1.50
CA SER A 385 27.23 3.60 0.17
C SER A 385 27.91 4.78 -0.50
N VAL A 386 28.19 4.63 -1.80
CA VAL A 386 28.72 5.74 -2.59
C VAL A 386 27.71 6.87 -2.75
N SER A 387 26.44 6.64 -2.42
CA SER A 387 25.36 7.61 -2.66
C SER A 387 24.84 8.34 -1.41
N SER A 388 25.48 8.09 -0.27
N SER A 388 25.48 8.10 -0.27
CA SER A 388 24.99 8.63 1.01
CA SER A 388 25.01 8.61 1.01
C SER A 388 25.83 9.77 1.57
C SER A 388 25.82 9.77 1.57
N SER A 389 26.79 10.28 0.79
CA SER A 389 27.76 11.28 1.32
C SER A 389 27.15 12.63 1.76
N ARG A 390 25.97 12.98 1.24
CA ARG A 390 25.34 14.26 1.55
C ARG A 390 24.14 14.13 2.50
N ILE A 391 23.98 12.95 3.10
CA ILE A 391 22.90 12.72 4.05
C ILE A 391 23.36 13.13 5.45
N GLN A 392 22.56 13.94 6.15
CA GLN A 392 22.76 14.17 7.59
C GLN A 392 22.10 13.03 8.37
N ILE A 393 22.93 12.20 9.00
CA ILE A 393 22.44 11.10 9.83
C ILE A 393 22.37 11.65 11.25
N LYS A 394 21.16 11.67 11.80
CA LYS A 394 20.86 12.33 13.05
C LYS A 394 20.20 11.40 14.04
N GLU A 395 20.69 11.42 15.28
CA GLU A 395 20.03 10.71 16.36
C GLU A 395 18.65 11.28 16.61
N ILE A 396 17.68 10.42 16.86
CA ILE A 396 16.32 10.88 17.12
C ILE A 396 16.23 11.73 18.38
N THR A 397 17.21 11.53 19.28
CA THR A 397 17.32 12.26 20.52
C THR A 397 17.97 13.64 20.39
N SER A 398 18.34 14.00 19.17
CA SER A 398 18.93 15.31 18.86
C SER A 398 17.95 16.42 19.17
N PRO A 399 18.45 17.61 19.55
CA PRO A 399 17.53 18.71 19.82
C PRO A 399 16.63 19.09 18.63
N GLU A 400 17.11 18.85 17.43
CA GLU A 400 16.35 19.15 16.22
C GLU A 400 15.03 18.38 16.14
N PHE A 401 14.93 17.25 16.86
CA PHE A 401 13.73 16.43 16.81
C PHE A 401 12.92 16.47 18.09
N SER A 402 13.26 17.38 19.00
CA SER A 402 12.67 17.34 20.35
C SER A 402 11.21 17.75 20.39
N SER A 403 10.76 18.54 19.41
CA SER A 403 9.38 19.01 19.37
C SER A 403 8.91 19.13 17.94
N THR A 404 7.61 19.29 17.77
CA THR A 404 7.01 19.53 16.46
C THR A 404 7.67 20.72 15.76
N GLN A 405 7.76 21.84 16.49
N GLN A 405 7.78 21.84 16.47
CA GLN A 405 8.35 23.07 15.96
CA GLN A 405 8.33 23.05 15.85
C GLN A 405 9.79 22.87 15.55
C GLN A 405 9.81 22.88 15.53
N ALA A 406 10.57 22.23 16.41
CA ALA A 406 11.99 22.00 16.13
C ALA A 406 12.17 21.14 14.88
N ARG A 407 11.33 20.13 14.71
CA ARG A 407 11.43 19.26 13.54
C ARG A 407 11.25 20.04 12.26
N LYS A 408 10.20 20.85 12.20
CA LYS A 408 9.99 21.66 10.99
C LYS A 408 11.08 22.67 10.75
N GLU A 409 11.55 23.32 11.80
CA GLU A 409 12.61 24.30 11.62
C GLU A 409 13.90 23.70 11.08
N TYR A 410 14.22 22.49 11.54
CA TYR A 410 15.38 21.81 11.03
C TYR A 410 15.17 21.30 9.60
N LEU A 411 14.08 20.57 9.40
CA LEU A 411 13.80 19.98 8.09
C LEU A 411 13.65 21.05 7.02
N ASN A 412 13.03 22.17 7.38
CA ASN A 412 12.78 23.23 6.39
C ASN A 412 14.04 23.86 5.85
N LYS A 413 15.14 23.80 6.60
CA LYS A 413 16.41 24.30 6.09
C LYS A 413 17.08 23.37 5.05
N LEU A 414 16.68 22.09 5.03
CA LEU A 414 17.28 21.12 4.13
C LEU A 414 16.35 20.70 2.99
N TYR A 415 15.03 20.87 3.23
CA TYR A 415 14.01 20.54 2.25
C TYR A 415 13.27 21.82 1.92
N PRO A 416 13.56 22.43 0.76
CA PRO A 416 12.90 23.69 0.45
C PRO A 416 11.42 23.54 0.14
N MET A 417 10.66 24.60 0.39
CA MET A 417 9.27 24.64 0.00
C MET A 417 9.24 24.59 -1.52
N ASN A 418 8.42 23.72 -2.08
CA ASN A 418 8.41 23.56 -3.53
C ASN A 418 7.01 23.60 -4.14
N TYR A 419 5.99 23.95 -3.36
CA TYR A 419 4.66 24.25 -3.91
C TYR A 419 3.92 25.08 -2.88
N GLU A 420 2.75 25.55 -3.26
CA GLU A 420 1.89 26.31 -2.35
C GLU A 420 0.54 25.64 -2.27
N GLY A 421 -0.13 25.84 -1.14
CA GLY A 421 -1.46 25.35 -0.92
C GLY A 421 -1.54 24.25 0.11
N ASP A 422 -2.71 24.15 0.72
CA ASP A 422 -2.95 23.16 1.75
C ASP A 422 -3.54 21.91 1.09
N ILE A 423 -2.65 21.08 0.61
CA ILE A 423 -2.95 19.88 -0.18
C ILE A 423 -1.69 19.06 -0.17
N PHE A 424 -1.77 17.75 -0.37
CA PHE A 424 -0.56 16.93 -0.53
C PHE A 424 -0.03 17.05 -1.96
N ALA A 425 1.26 17.35 -2.11
CA ALA A 425 1.91 17.27 -3.41
C ALA A 425 3.35 16.88 -3.23
N GLN A 426 3.86 16.10 -4.19
CA GLN A 426 5.26 15.69 -4.23
C GLN A 426 5.67 15.63 -5.69
N LYS A 427 6.90 16.08 -5.96
CA LYS A 427 7.42 16.11 -7.31
C LYS A 427 8.51 15.06 -7.47
N LEU A 428 8.49 14.36 -8.60
N LEU A 428 8.44 14.28 -8.56
CA LEU A 428 9.55 13.45 -8.97
CA LEU A 428 9.53 13.39 -9.01
C LEU A 428 9.79 13.70 -10.45
C LEU A 428 9.78 13.72 -10.47
N ASP A 429 11.03 14.03 -10.83
CA ASP A 429 11.39 14.41 -12.19
C ASP A 429 10.39 15.41 -12.73
N ASN A 430 9.70 15.10 -13.81
CA ASN A 430 8.78 16.03 -14.47
C ASN A 430 7.33 15.78 -14.08
N ARG A 431 7.11 15.11 -12.96
CA ARG A 431 5.79 14.70 -12.52
C ARG A 431 5.42 15.29 -11.16
N TRP A 432 4.27 15.95 -11.08
CA TRP A 432 3.66 16.30 -9.82
C TRP A 432 2.60 15.26 -9.49
N PHE A 433 2.70 14.74 -8.27
CA PHE A 433 1.74 13.84 -7.67
C PHE A 433 0.99 14.63 -6.61
N VAL A 434 -0.34 14.64 -6.69
CA VAL A 434 -1.16 15.48 -5.82
C VAL A 434 -2.30 14.65 -5.26
N TYR A 435 -2.65 14.85 -3.99
CA TYR A 435 -3.92 14.33 -3.51
C TYR A 435 -4.47 15.19 -2.40
N ASN A 436 -5.80 15.13 -2.27
CA ASN A 436 -6.50 15.73 -1.14
C ASN A 436 -6.32 14.79 0.05
N TYR A 437 -5.82 15.30 1.16
CA TYR A 437 -5.45 14.46 2.30
C TYR A 437 -6.54 14.27 3.35
N LYS A 438 -7.72 14.80 3.12
CA LYS A 438 -8.80 14.60 4.07
C LYS A 438 -9.19 13.12 4.10
N VAL A 439 -9.48 12.61 5.28
CA VAL A 439 -9.86 11.22 5.47
C VAL A 439 -11.37 11.07 5.41
N ASN A 440 -12.07 11.83 6.25
CA ASN A 440 -13.53 11.67 6.42
C ASN A 440 -14.20 13.01 6.62
N GLU A 441 -13.68 14.03 5.96
CA GLU A 441 -14.21 15.40 6.01
C GLU A 441 -14.40 15.87 4.59
N ASN A 442 -15.58 16.41 4.27
CA ASN A 442 -15.92 16.71 2.89
C ASN A 442 -15.49 18.12 2.55
N VAL A 443 -14.19 18.29 2.34
CA VAL A 443 -13.55 19.58 2.17
C VAL A 443 -12.63 19.55 0.96
N LYS A 444 -12.84 20.48 0.03
N LYS A 444 -12.85 20.49 0.05
CA LYS A 444 -11.97 20.62 -1.12
CA LYS A 444 -12.02 20.66 -1.13
C LYS A 444 -10.65 21.24 -0.73
C LYS A 444 -10.66 21.26 -0.75
N GLN A 445 -9.61 20.87 -1.46
CA GLN A 445 -8.27 21.40 -1.24
C GLN A 445 -7.73 21.95 -2.55
N THR A 446 -6.86 22.93 -2.44
CA THR A 446 -6.28 23.58 -3.59
C THR A 446 -4.76 23.71 -3.44
N GLY A 447 -4.09 23.68 -4.59
CA GLY A 447 -2.66 23.93 -4.60
C GLY A 447 -2.20 24.55 -5.88
N LYS A 448 -1.00 25.11 -5.80
CA LYS A 448 -0.32 25.75 -6.92
C LYS A 448 1.03 25.04 -7.10
N LEU A 449 1.17 24.40 -8.26
CA LEU A 449 2.34 23.64 -8.63
C LEU A 449 2.97 24.31 -9.86
N LYS A 450 4.28 24.17 -10.04
CA LYS A 450 4.94 24.74 -11.20
C LYS A 450 5.78 23.69 -11.90
N PHE A 451 5.83 23.81 -13.23
CA PHE A 451 6.79 23.11 -14.04
C PHE A 451 7.64 24.22 -14.67
N ASN A 452 8.75 24.56 -14.04
CA ASN A 452 9.53 25.76 -14.40
C ASN A 452 8.59 26.96 -14.34
N SER A 453 8.34 27.65 -15.46
CA SER A 453 7.49 28.85 -15.44
C SER A 453 6.01 28.55 -15.61
N LEU A 454 5.67 27.34 -16.02
CA LEU A 454 4.28 26.97 -16.22
C LEU A 454 3.62 26.76 -14.86
N GLU A 455 2.53 27.45 -14.61
CA GLU A 455 1.80 27.34 -13.35
C GLU A 455 0.57 26.47 -13.53
N MET A 456 0.38 25.55 -12.59
CA MET A 456 -0.76 24.64 -12.59
C MET A 456 -1.41 24.70 -11.22
N ASN A 457 -2.63 25.24 -11.20
CA ASN A 457 -3.42 25.28 -9.98
C ASN A 457 -4.47 24.20 -10.06
N VAL A 458 -4.68 23.48 -8.96
CA VAL A 458 -5.67 22.41 -8.96
C VAL A 458 -6.63 22.60 -7.79
N GLU A 459 -7.82 22.08 -7.96
N GLU A 459 -7.84 22.10 -7.98
CA GLU A 459 -8.80 21.98 -6.88
CA GLU A 459 -8.84 22.00 -6.90
C GLU A 459 -9.35 20.58 -6.89
C GLU A 459 -9.35 20.55 -6.89
N PHE A 460 -9.19 19.88 -5.76
CA PHE A 460 -9.54 18.47 -5.60
C PHE A 460 -10.50 18.28 -4.44
N GLU A 461 -11.56 17.50 -4.66
CA GLU A 461 -12.35 16.95 -3.57
C GLU A 461 -11.56 15.87 -2.82
N PRO A 462 -12.07 15.44 -1.66
CA PRO A 462 -11.45 14.31 -0.96
C PRO A 462 -11.41 13.06 -1.83
N HIS A 463 -10.47 12.19 -1.53
CA HIS A 463 -10.38 10.91 -2.19
C HIS A 463 -10.19 11.09 -3.69
N THR A 464 -9.19 11.90 -4.00
CA THR A 464 -8.81 12.25 -5.36
C THR A 464 -7.30 12.38 -5.39
N TYR A 465 -6.67 11.63 -6.31
CA TYR A 465 -5.26 11.82 -6.58
C TYR A 465 -5.05 12.04 -8.07
N GLY A 466 -3.96 12.71 -8.39
CA GLY A 466 -3.59 12.94 -9.76
C GLY A 466 -2.12 12.93 -9.96
N ILE A 467 -1.73 12.58 -11.18
CA ILE A 467 -0.34 12.58 -11.63
C ILE A 467 -0.27 13.41 -12.89
N PHE A 468 0.56 14.45 -12.85
CA PHE A 468 0.62 15.45 -13.90
C PHE A 468 2.05 15.48 -14.41
N GLU A 469 2.25 15.04 -15.65
CA GLU A 469 3.59 14.89 -16.21
C GLU A 469 3.80 15.87 -17.35
N ARG A 470 4.79 16.74 -17.20
CA ARG A 470 5.15 17.65 -18.29
C ARG A 470 5.90 16.86 -19.33
N ILE A 471 5.31 16.78 -20.51
CA ILE A 471 5.88 16.05 -21.64
C ILE A 471 6.22 17.10 -22.70
N SER A 472 7.08 16.71 -23.65
N SER A 472 7.09 16.75 -23.66
CA SER A 472 7.57 17.65 -24.66
CA SER A 472 7.49 17.73 -24.69
C SER A 472 6.42 18.44 -25.34
C SER A 472 6.28 18.39 -25.40
N ASN A 473 5.30 17.79 -25.61
N ASN A 473 5.21 17.62 -25.58
CA ASN A 473 4.19 18.46 -26.28
CA ASN A 473 4.00 18.10 -26.25
C ASN A 473 3.03 18.93 -25.38
C ASN A 473 3.02 18.89 -25.38
N GLY A 474 3.17 18.84 -24.06
CA GLY A 474 2.15 19.39 -23.16
C GLY A 474 2.15 18.73 -21.81
N LEU A 475 1.02 18.16 -21.43
CA LEU A 475 0.83 17.60 -20.10
C LEU A 475 0.07 16.30 -20.22
N LYS A 476 0.60 15.25 -19.60
CA LYS A 476 -0.14 14.00 -19.43
C LYS A 476 -0.79 14.02 -18.05
N VAL A 477 -2.08 13.70 -18.02
CA VAL A 477 -2.88 13.70 -16.78
C VAL A 477 -3.43 12.31 -16.51
N ASN A 478 -3.15 11.82 -15.31
CA ASN A 478 -3.84 10.65 -14.75
C ASN A 478 -4.56 11.12 -13.50
N LEU A 479 -5.86 10.87 -13.43
CA LEU A 479 -6.67 11.29 -12.31
C LEU A 479 -7.43 10.08 -11.80
N ASN A 480 -7.56 9.96 -10.48
CA ASN A 480 -8.40 8.91 -9.92
C ASN A 480 -9.14 9.45 -8.73
N ASN A 481 -10.46 9.47 -8.84
CA ASN A 481 -11.36 9.88 -7.76
C ASN A 481 -12.48 8.87 -7.58
N PHE A 482 -12.20 7.62 -7.93
CA PHE A 482 -13.21 6.58 -7.89
C PHE A 482 -13.69 6.35 -6.47
N ARG A 483 -14.99 6.50 -6.25
CA ARG A 483 -15.56 6.37 -4.91
C ARG A 483 -17.04 6.04 -5.09
N THR A 484 -17.41 4.79 -4.83
CA THR A 484 -18.79 4.37 -4.91
C THR A 484 -19.54 4.75 -3.64
N ASN A 485 -20.86 4.70 -3.70
CA ASN A 485 -21.72 5.10 -2.59
C ASN A 485 -21.95 3.90 -1.68
N LYS A 486 -21.46 3.97 -0.45
CA LYS A 486 -21.63 2.93 0.55
C LYS A 486 -22.76 3.22 1.53
N ASP A 487 -23.56 4.26 1.26
CA ASP A 487 -24.61 4.64 2.21
C ASP A 487 -25.60 3.52 2.51
N SER A 488 -25.86 2.66 1.53
CA SER A 488 -26.81 1.57 1.76
C SER A 488 -26.44 0.71 2.96
N LEU A 489 -25.14 0.51 3.19
CA LEU A 489 -24.68 -0.29 4.32
C LEU A 489 -25.08 0.33 5.67
N TRP A 490 -25.32 1.63 5.65
CA TRP A 490 -25.57 2.41 6.84
C TRP A 490 -27.01 2.90 6.88
N SER A 491 -27.87 2.35 6.03
CA SER A 491 -29.26 2.71 6.04
C SER A 491 -29.88 2.26 7.38
N ASN A 492 -30.97 2.91 7.75
CA ASN A 492 -31.69 2.67 8.98
C ASN A 492 -31.01 3.25 10.21
N ALA A 493 -29.90 3.97 10.04
CA ALA A 493 -29.17 4.62 11.13
C ALA A 493 -29.00 6.08 10.80
N GLN A 494 -29.64 6.96 11.57
N GLN A 494 -29.63 6.94 11.57
CA GLN A 494 -29.54 8.40 11.32
CA GLN A 494 -29.56 8.37 11.29
C GLN A 494 -28.49 9.09 12.18
C GLN A 494 -28.40 9.01 12.05
N ASP A 495 -27.87 8.33 13.09
CA ASP A 495 -26.80 8.85 13.92
C ASP A 495 -25.90 7.70 14.37
N ALA A 496 -24.80 8.04 15.02
CA ALA A 496 -23.82 7.04 15.43
C ALA A 496 -24.37 6.07 16.46
N ASN A 497 -25.24 6.53 17.36
CA ASN A 497 -25.88 5.62 18.30
C ASN A 497 -26.64 4.52 17.59
N GLN A 498 -27.45 4.90 16.61
CA GLN A 498 -28.21 3.92 15.86
C GLN A 498 -27.30 3.03 15.02
N ALA A 499 -26.25 3.61 14.45
CA ALA A 499 -25.35 2.84 13.60
C ALA A 499 -24.63 1.75 14.37
N LYS A 500 -24.21 2.07 15.59
N LYS A 500 -24.20 2.07 15.59
CA LYS A 500 -23.54 1.09 16.43
CA LYS A 500 -23.53 1.11 16.45
C LYS A 500 -24.43 -0.10 16.72
C LYS A 500 -24.43 -0.10 16.73
N LYS A 501 -25.74 0.14 16.77
CA LYS A 501 -26.73 -0.88 17.12
C LYS A 501 -27.30 -1.64 15.92
N LEU A 502 -26.86 -1.36 14.70
CA LEU A 502 -27.37 -2.10 13.56
C LEU A 502 -27.09 -3.59 13.73
N PRO A 503 -27.89 -4.46 13.08
CA PRO A 503 -27.53 -5.85 13.09
C PRO A 503 -26.15 -6.04 12.46
N GLN A 504 -25.36 -6.99 12.95
CA GLN A 504 -24.08 -7.26 12.33
C GLN A 504 -24.26 -7.72 10.90
N LEU A 505 -23.47 -7.18 9.97
CA LEU A 505 -23.52 -7.68 8.60
C LEU A 505 -22.94 -9.10 8.53
N THR A 506 -21.90 -9.36 9.31
CA THR A 506 -21.15 -10.63 9.38
C THR A 506 -20.22 -10.80 8.18
N LYS A 507 -19.26 -11.70 8.34
CA LYS A 507 -18.31 -12.01 7.27
C LYS A 507 -19.04 -12.56 6.05
N LYS A 508 -19.85 -13.59 6.24
CA LYS A 508 -20.59 -14.15 5.10
C LYS A 508 -21.54 -13.12 4.50
N GLY A 509 -22.13 -12.28 5.34
CA GLY A 509 -23.02 -11.24 4.86
C GLY A 509 -22.33 -10.21 3.99
N ALA A 510 -21.09 -9.85 4.37
CA ALA A 510 -20.34 -8.87 3.61
C ALA A 510 -19.90 -9.46 2.27
N ILE A 511 -19.50 -10.73 2.26
CA ILE A 511 -19.15 -11.40 1.00
C ILE A 511 -20.36 -11.43 0.08
N LYS A 512 -21.53 -11.77 0.64
CA LYS A 512 -22.76 -11.77 -0.14
C LYS A 512 -23.11 -10.37 -0.64
N TRP A 513 -22.91 -9.35 0.20
CA TRP A 513 -23.16 -7.97 -0.22
C TRP A 513 -22.27 -7.60 -1.42
N ILE A 514 -21.00 -7.99 -1.36
N ILE A 514 -21.00 -7.98 -1.36
CA ILE A 514 -20.11 -7.75 -2.48
CA ILE A 514 -20.10 -7.75 -2.48
C ILE A 514 -20.66 -8.42 -3.75
C ILE A 514 -20.66 -8.42 -3.75
N GLU A 515 -21.06 -9.69 -3.65
CA GLU A 515 -21.61 -10.38 -4.80
C GLU A 515 -22.85 -9.70 -5.37
N GLU A 516 -23.76 -9.30 -4.49
CA GLU A 516 -25.10 -8.87 -4.92
C GLU A 516 -25.19 -7.39 -5.22
N HIS A 517 -24.30 -6.59 -4.62
CA HIS A 517 -24.43 -5.14 -4.66
C HIS A 517 -23.18 -4.39 -5.01
N TYR A 518 -22.07 -5.09 -5.23
CA TYR A 518 -20.80 -4.44 -5.59
C TYR A 518 -20.27 -4.97 -6.92
N ILE A 519 -20.18 -6.28 -7.06
CA ILE A 519 -19.82 -6.90 -8.34
C ILE A 519 -20.86 -6.58 -9.40
N LYS A 520 -22.11 -6.55 -8.99
CA LYS A 520 -23.21 -6.14 -9.87
C LYS A 520 -24.11 -5.20 -9.12
N ASP A 521 -24.93 -4.49 -9.88
CA ASP A 521 -25.90 -3.56 -9.31
C ASP A 521 -25.24 -2.51 -8.40
N THR A 522 -24.04 -2.12 -8.79
CA THR A 522 -23.22 -1.23 -7.98
C THR A 522 -23.89 0.12 -7.86
N GLN A 523 -23.90 0.68 -6.65
CA GLN A 523 -24.36 2.04 -6.45
C GLN A 523 -23.16 2.97 -6.61
N PHE A 524 -22.95 3.40 -7.84
CA PHE A 524 -21.85 4.30 -8.16
C PHE A 524 -22.04 5.63 -7.45
N GLY A 525 -20.94 6.29 -7.14
CA GLY A 525 -21.00 7.62 -6.59
C GLY A 525 -21.34 8.63 -7.66
N GLU A 526 -21.71 9.81 -7.24
CA GLU A 526 -21.96 10.89 -8.17
C GLU A 526 -20.65 11.38 -8.78
N LYS A 527 -20.74 11.83 -10.02
CA LYS A 527 -19.64 12.56 -10.63
C LYS A 527 -19.38 13.81 -9.82
N ARG A 528 -18.12 14.19 -9.71
CA ARG A 528 -17.73 15.35 -8.95
C ARG A 528 -16.61 16.09 -9.67
N VAL A 529 -16.48 17.38 -9.36
CA VAL A 529 -15.64 18.27 -10.15
C VAL A 529 -14.21 18.37 -9.66
N THR A 530 -13.29 18.27 -10.63
CA THR A 530 -11.88 18.61 -10.45
C THR A 530 -11.60 19.79 -11.39
N LYS A 531 -10.85 20.77 -10.89
CA LYS A 531 -10.42 21.90 -11.71
C LYS A 531 -8.91 21.93 -11.81
N ILE A 532 -8.45 22.21 -13.01
CA ILE A 532 -7.02 22.38 -13.31
C ILE A 532 -6.89 23.66 -14.12
N VAL A 533 -6.07 24.58 -13.64
CA VAL A 533 -5.85 25.85 -14.34
C VAL A 533 -4.38 25.92 -14.71
N LEU A 534 -4.10 26.14 -15.99
CA LEU A 534 -2.73 26.33 -16.46
C LEU A 534 -2.55 27.77 -16.88
N ARG A 535 -1.52 28.39 -16.34
CA ARG A 535 -1.16 29.76 -16.67
C ARG A 535 0.19 29.77 -17.33
N GLY A 536 0.25 30.45 -18.46
CA GLY A 536 1.48 30.54 -19.26
C GLY A 536 1.42 29.72 -20.55
N ILE A 537 0.27 29.76 -21.20
CA ILE A 537 -0.10 28.93 -22.36
C ILE A 537 -0.30 29.83 -23.58
N ASP A 538 0.20 29.39 -24.72
CA ASP A 538 0.19 30.19 -25.96
C ASP A 538 -1.21 30.24 -26.60
N LYS A 539 -1.78 29.08 -26.85
CA LYS A 539 -3.07 28.95 -27.52
C LYS A 539 -3.90 27.86 -26.85
N LEU A 540 -5.18 27.81 -27.19
CA LEU A 540 -6.08 26.79 -26.67
C LEU A 540 -5.45 25.40 -26.80
N PRO A 541 -5.25 24.68 -25.68
CA PRO A 541 -4.72 23.33 -25.80
C PRO A 541 -5.70 22.38 -26.47
N THR A 542 -5.15 21.32 -27.04
CA THR A 542 -5.94 20.25 -27.60
C THR A 542 -5.88 19.04 -26.66
N ILE A 543 -6.97 18.27 -26.62
CA ILE A 543 -7.01 17.07 -25.79
C ILE A 543 -6.84 15.83 -26.66
N HIS A 544 -6.13 14.86 -26.12
CA HIS A 544 -5.74 13.66 -26.82
C HIS A 544 -5.85 12.47 -25.90
N SER A 545 -6.17 11.32 -26.48
CA SER A 545 -6.08 10.04 -25.83
C SER A 545 -6.87 10.02 -24.53
N LEU A 546 -8.09 10.54 -24.58
CA LEU A 546 -9.00 10.54 -23.44
C LEU A 546 -9.60 9.16 -23.21
N SER A 547 -9.43 8.62 -22.00
CA SER A 547 -10.07 7.37 -21.63
C SER A 547 -10.27 7.33 -20.13
N GLY A 548 -11.05 6.37 -19.66
CA GLY A 548 -11.24 6.20 -18.21
C GLY A 548 -12.29 5.16 -17.93
N THR A 549 -12.66 5.05 -16.66
CA THR A 549 -13.66 4.10 -16.23
C THR A 549 -14.93 4.32 -17.08
N ASN A 550 -15.49 3.23 -17.60
N ASN A 550 -15.49 3.23 -17.60
CA ASN A 550 -16.65 3.34 -18.46
CA ASN A 550 -16.68 3.33 -18.44
C ASN A 550 -17.80 4.08 -17.78
C ASN A 550 -17.80 4.09 -17.78
N ASN A 551 -18.42 5.01 -18.52
CA ASN A 551 -19.61 5.73 -18.05
C ASN A 551 -19.37 6.68 -16.89
N SER A 552 -18.12 7.02 -16.62
CA SER A 552 -17.76 7.68 -15.36
C SER A 552 -17.36 9.12 -15.49
N TYR A 553 -17.35 9.66 -16.71
CA TYR A 553 -16.84 11.01 -16.89
C TYR A 553 -17.56 11.75 -18.00
N ASP A 554 -17.80 13.03 -17.76
CA ASP A 554 -18.24 13.94 -18.80
C ASP A 554 -17.04 14.34 -19.63
N GLN A 555 -17.27 14.91 -20.78
CA GLN A 555 -16.15 15.40 -21.59
C GLN A 555 -15.52 16.59 -20.87
N PRO A 556 -14.18 16.56 -20.72
CA PRO A 556 -13.57 17.70 -20.06
C PRO A 556 -13.88 19.00 -20.79
N SER A 557 -14.07 20.06 -20.00
N SER A 557 -14.03 20.06 -20.02
CA SER A 557 -14.30 21.42 -20.49
CA SER A 557 -14.29 21.35 -20.62
C SER A 557 -12.99 22.17 -20.54
C SER A 557 -13.05 22.21 -20.54
N LEU A 558 -12.67 22.78 -21.68
CA LEU A 558 -11.48 23.61 -21.81
C LEU A 558 -11.94 25.03 -22.11
N ASN A 559 -11.56 25.97 -21.27
CA ASN A 559 -11.91 27.36 -21.41
C ASN A 559 -10.63 28.17 -21.44
N PHE A 560 -10.24 28.57 -22.65
CA PHE A 560 -9.02 29.32 -22.87
C PHE A 560 -9.29 30.82 -22.87
N ASP A 561 -8.48 31.56 -22.13
CA ASP A 561 -8.54 33.01 -22.00
C ASP A 561 -7.26 33.54 -22.66
N GLN A 562 -7.41 34.01 -23.89
CA GLN A 562 -6.26 34.40 -24.72
C GLN A 562 -5.49 35.53 -24.05
N LYS A 563 -6.21 36.54 -23.58
CA LYS A 563 -5.59 37.73 -23.01
C LYS A 563 -4.68 37.39 -21.85
N ASN A 564 -5.10 36.41 -21.05
CA ASN A 564 -4.37 36.03 -19.85
C ASN A 564 -3.52 34.77 -20.04
N HIS A 565 -3.45 34.26 -21.26
CA HIS A 565 -2.63 33.09 -21.61
C HIS A 565 -2.85 31.95 -20.62
N MET A 566 -4.12 31.61 -20.41
CA MET A 566 -4.46 30.60 -19.44
C MET A 566 -5.63 29.78 -19.88
N VAL A 567 -5.68 28.55 -19.40
CA VAL A 567 -6.80 27.66 -19.65
C VAL A 567 -7.31 27.10 -18.33
N THR A 568 -8.62 27.02 -18.24
CA THR A 568 -9.28 26.37 -17.11
C THR A 568 -9.90 25.08 -17.61
N ILE A 569 -9.49 23.97 -17.01
CA ILE A 569 -9.97 22.65 -17.38
C ILE A 569 -10.91 22.19 -16.26
N THR A 570 -12.15 21.88 -16.60
CA THR A 570 -13.13 21.40 -15.62
C THR A 570 -13.50 19.99 -15.99
N ILE A 571 -13.34 19.08 -15.03
CA ILE A 571 -13.63 17.67 -15.21
C ILE A 571 -14.73 17.29 -14.20
N ASN A 572 -15.70 16.53 -14.66
CA ASN A 572 -16.79 16.02 -13.83
C ASN A 572 -16.80 14.51 -13.98
N SER A 573 -16.42 13.78 -12.93
CA SER A 573 -16.09 12.38 -13.07
C SER A 573 -16.13 11.67 -11.73
N ASN A 574 -16.15 10.35 -11.80
CA ASN A 574 -15.98 9.50 -10.62
C ASN A 574 -15.42 8.16 -11.12
N GLY A 575 -14.10 8.03 -11.08
CA GLY A 575 -13.45 6.92 -11.74
C GLY A 575 -11.97 7.22 -11.96
N ASN A 576 -11.29 6.37 -12.71
N ASN A 576 -11.33 6.34 -12.73
CA ASN A 576 -10.00 6.78 -13.23
CA ASN A 576 -9.99 6.55 -13.30
C ASN A 576 -10.17 7.42 -14.58
C ASN A 576 -10.16 7.37 -14.60
N LEU A 577 -9.21 8.25 -14.90
CA LEU A 577 -9.25 9.06 -16.09
C LEU A 577 -7.83 9.35 -16.56
N GLU A 578 -7.64 9.40 -17.88
N GLU A 578 -7.65 9.36 -17.89
CA GLU A 578 -6.36 9.78 -18.42
CA GLU A 578 -6.37 9.64 -18.55
C GLU A 578 -6.57 10.54 -19.72
C GLU A 578 -6.60 10.55 -19.73
N PHE A 579 -5.70 11.51 -19.94
CA PHE A 579 -5.69 12.27 -21.21
C PHE A 579 -4.38 13.03 -21.30
N GLU A 580 -4.08 13.52 -22.49
CA GLU A 580 -3.01 14.46 -22.69
C GLU A 580 -3.59 15.76 -23.17
N LEU A 581 -2.99 16.85 -22.72
CA LEU A 581 -3.23 18.17 -23.27
C LEU A 581 -1.99 18.57 -24.04
N HIS A 582 -2.17 18.99 -25.29
CA HIS A 582 -1.05 19.50 -26.08
C HIS A 582 -1.15 21.00 -26.19
N PHE A 583 -0.02 21.66 -25.98
CA PHE A 583 0.07 23.11 -25.99
C PHE A 583 1.52 23.52 -26.00
N LEU A 584 1.73 24.81 -26.28
CA LEU A 584 3.03 25.46 -26.13
C LEU A 584 2.93 26.50 -25.03
N GLU A 585 4.05 26.81 -24.39
CA GLU A 585 4.08 27.87 -23.40
C GLU A 585 4.13 29.22 -24.06
N HIS A 586 3.67 30.23 -23.34
CA HIS A 586 3.72 31.58 -23.86
C HIS A 586 5.01 32.22 -23.36
N THR A 587 5.67 32.97 -24.25
CA THR A 587 6.95 33.60 -23.91
C THR A 587 6.98 35.06 -24.37
#